data_5DN1
#
_entry.id   5DN1
#
_cell.length_a   65.208
_cell.length_b   65.208
_cell.length_c   104.538
_cell.angle_alpha   90.00
_cell.angle_beta   90.00
_cell.angle_gamma   120.00
#
_symmetry.space_group_name_H-M   'P 31 2 1'
#
loop_
_entity.id
_entity.type
_entity.pdbx_description
1 polymer 'Phosphoribosyl isomerase A'
2 non-polymer 'SULFATE ION'
3 non-polymer GLYCEROL
4 non-polymer 'AMINOIMIDAZOLE 4-CARBOXAMIDE RIBONUCLEOTIDE'
5 water water
#
_entity_poly.entity_id   1
_entity_poly.type   'polypeptide(L)'
_entity_poly.pdbx_seq_one_letter_code
;MSKLELLPAVDVRDGQAVRLVHGESGTETSYGSPLEAALAWQRSGAEWLHLVDLDAAFGTGDNRALIAEVAQAMDIKVEL
SGGIRDDDTLAAALATGCTRVNLGTAALETPEWVAKVIAEHGDKIAVGLDVRGTTLRGRGWTRDGGDLYETLDRLNKEGC
ARYVVTDIAKDGTLQGPNLELLKNVCAATDRPVVASGGVSSLDDLRAIAGLVPAGVEGAIVGKALYAKAFTLEEALEATS
;
_entity_poly.pdbx_strand_id   A
#
loop_
_chem_comp.id
_chem_comp.type
_chem_comp.name
_chem_comp.formula
AMZ non-polymer 'AMINOIMIDAZOLE 4-CARBOXAMIDE RIBONUCLEOTIDE' 'C9 H15 N4 O8 P'
GOL non-polymer GLYCEROL 'C3 H8 O3'
SO4 non-polymer 'SULFATE ION' 'O4 S -2'
#
# COMPACT_ATOMS: atom_id res chain seq x y z
N MET A 1 -0.54 22.83 2.12
CA MET A 1 0.89 22.88 2.45
C MET A 1 1.67 21.82 1.67
N SER A 2 2.91 21.61 2.08
CA SER A 2 3.84 20.76 1.33
C SER A 2 4.03 19.37 1.93
N LYS A 3 3.33 19.06 3.03
CA LYS A 3 3.62 17.82 3.75
C LYS A 3 3.20 16.60 2.92
N LEU A 4 4.08 15.61 2.88
CA LEU A 4 3.78 14.28 2.34
C LEU A 4 3.55 13.33 3.50
N GLU A 5 2.42 12.62 3.47
CA GLU A 5 2.16 11.60 4.49
C GLU A 5 3.08 10.41 4.30
N LEU A 6 3.59 9.87 5.41
CA LEU A 6 4.46 8.70 5.37
C LEU A 6 3.75 7.50 5.99
N LEU A 7 3.80 6.36 5.30
CA LEU A 7 3.17 5.13 5.74
C LEU A 7 4.22 4.03 5.81
N PRO A 8 4.89 3.85 6.94
CA PRO A 8 5.78 2.69 7.08
C PRO A 8 4.99 1.39 6.98
N ALA A 9 5.56 0.42 6.29
CA ALA A 9 4.85 -0.80 5.91
C ALA A 9 5.23 -1.97 6.81
N VAL A 10 4.24 -2.79 7.14
CA VAL A 10 4.44 -4.09 7.77
C VAL A 10 3.70 -5.11 6.91
N ASP A 11 4.46 -5.93 6.17
CA ASP A 11 3.94 -6.98 5.32
C ASP A 11 4.15 -8.31 6.03
N VAL A 12 3.11 -9.12 6.15
CA VAL A 12 3.15 -10.31 7.01
C VAL A 12 3.08 -11.57 6.15
N ARG A 13 4.02 -12.47 6.37
CA ARG A 13 3.95 -13.81 5.80
C ARG A 13 4.45 -14.83 6.81
N ASP A 14 3.69 -15.89 7.01
CA ASP A 14 4.03 -16.93 7.97
C ASP A 14 4.38 -16.33 9.34
N GLY A 15 3.57 -15.36 9.78
CA GLY A 15 3.75 -14.76 11.08
C GLY A 15 4.96 -13.85 11.23
N GLN A 16 5.59 -13.44 10.13
CA GLN A 16 6.79 -12.63 10.18
C GLN A 16 6.61 -11.36 9.37
N ALA A 17 7.27 -10.30 9.82
CA ALA A 17 7.43 -9.09 9.02
C ALA A 17 8.47 -9.35 7.94
N VAL A 18 8.08 -9.24 6.67
CA VAL A 18 8.96 -9.60 5.57
C VAL A 18 8.95 -8.49 4.53
N ARG A 19 9.97 -8.49 3.68
N ARG A 19 9.95 -8.50 3.66
CA ARG A 19 9.98 -7.68 2.47
CA ARG A 19 9.95 -7.69 2.47
C ARG A 19 10.27 -8.60 1.29
C ARG A 19 10.31 -8.57 1.27
N LEU A 20 9.64 -8.32 0.15
CA LEU A 20 9.85 -9.05 -1.09
C LEU A 20 10.56 -8.16 -2.09
N VAL A 21 10.94 -8.76 -3.21
CA VAL A 21 11.52 -8.04 -4.34
C VAL A 21 10.61 -8.26 -5.54
N HIS A 22 10.11 -7.16 -6.12
CA HIS A 22 9.09 -7.20 -7.16
C HIS A 22 7.83 -7.92 -6.69
N GLY A 23 7.65 -8.01 -5.37
CA GLY A 23 6.55 -8.77 -4.81
C GLY A 23 6.50 -10.22 -5.24
N GLU A 24 7.65 -10.83 -5.50
CA GLU A 24 7.70 -12.22 -5.95
C GLU A 24 7.65 -13.14 -4.74
N SER A 25 6.78 -14.14 -4.78
CA SER A 25 6.74 -15.13 -3.71
C SER A 25 8.04 -15.92 -3.71
N GLY A 26 8.63 -16.11 -2.53
CA GLY A 26 9.89 -16.80 -2.41
C GLY A 26 11.09 -15.90 -2.25
N THR A 27 10.92 -14.59 -2.39
CA THR A 27 12.01 -13.63 -2.20
C THR A 27 11.93 -12.95 -0.84
N GLU A 28 11.29 -13.60 0.14
CA GLU A 28 11.13 -13.01 1.47
C GLU A 28 12.47 -12.83 2.16
N THR A 29 12.71 -11.63 2.68
CA THR A 29 13.67 -11.40 3.75
C THR A 29 12.88 -11.12 5.03
N SER A 30 13.17 -11.87 6.09
CA SER A 30 12.40 -11.78 7.31
C SER A 30 13.04 -10.78 8.28
N TYR A 31 12.19 -9.94 8.90
CA TYR A 31 12.62 -8.90 9.82
C TYR A 31 11.99 -9.03 11.20
N GLY A 32 11.60 -10.23 11.58
CA GLY A 32 11.15 -10.43 12.94
C GLY A 32 9.67 -10.23 13.13
N SER A 33 9.28 -9.73 14.29
CA SER A 33 7.89 -9.70 14.71
C SER A 33 7.12 -8.58 14.02
N PRO A 34 6.00 -8.89 13.36
CA PRO A 34 5.15 -7.80 12.84
C PRO A 34 4.66 -6.86 13.93
N LEU A 35 4.30 -7.39 15.10
CA LEU A 35 3.82 -6.52 16.17
C LEU A 35 4.92 -5.59 16.66
N GLU A 36 6.13 -6.12 16.86
CA GLU A 36 7.20 -5.26 17.34
C GLU A 36 7.60 -4.23 16.29
N ALA A 37 7.55 -4.60 15.01
CA ALA A 37 7.85 -3.64 13.96
C ALA A 37 6.84 -2.49 13.98
N ALA A 38 5.55 -2.81 14.03
CA ALA A 38 4.53 -1.77 14.08
C ALA A 38 4.68 -0.89 15.33
N LEU A 39 4.95 -1.51 16.49
CA LEU A 39 5.10 -0.71 17.71
C LEU A 39 6.29 0.24 17.60
N ALA A 40 7.37 -0.23 16.96
CA ALA A 40 8.55 0.60 16.78
C ALA A 40 8.26 1.79 15.87
N TRP A 41 7.55 1.58 14.75
CA TRP A 41 7.20 2.70 13.90
C TRP A 41 6.34 3.71 14.65
N GLN A 42 5.33 3.21 15.37
CA GLN A 42 4.47 4.09 16.15
C GLN A 42 5.28 4.87 17.19
N ARG A 43 6.23 4.20 17.85
CA ARG A 43 7.04 4.88 18.85
C ARG A 43 7.90 5.96 18.24
N SER A 44 8.34 5.79 17.00
CA SER A 44 9.17 6.76 16.32
C SER A 44 8.38 7.90 15.69
N GLY A 45 7.07 7.93 15.88
CA GLY A 45 6.25 9.03 15.45
C GLY A 45 5.44 8.79 14.20
N ALA A 46 5.30 7.55 13.73
CA ALA A 46 4.47 7.28 12.56
C ALA A 46 3.05 7.78 12.78
N GLU A 47 2.48 8.37 11.72
CA GLU A 47 1.08 8.76 11.74
C GLU A 47 0.19 7.71 11.11
N TRP A 48 0.79 6.81 10.35
CA TRP A 48 0.13 5.78 9.56
C TRP A 48 0.88 4.47 9.73
N LEU A 49 0.16 3.37 9.61
CA LEU A 49 0.75 2.06 9.42
C LEU A 49 0.11 1.45 8.18
N HIS A 50 0.94 1.00 7.23
CA HIS A 50 0.46 0.25 6.08
C HIS A 50 0.70 -1.23 6.38
N LEU A 51 -0.37 -1.98 6.58
CA LEU A 51 -0.32 -3.34 7.13
C LEU A 51 -0.90 -4.29 6.10
N VAL A 52 -0.12 -5.30 5.70
CA VAL A 52 -0.47 -6.16 4.57
C VAL A 52 -0.40 -7.63 4.99
N ASP A 53 -1.45 -8.40 4.67
CA ASP A 53 -1.43 -9.86 4.87
C ASP A 53 -1.03 -10.50 3.54
N LEU A 54 0.25 -10.85 3.41
CA LEU A 54 0.77 -11.35 2.14
C LEU A 54 0.32 -12.78 1.86
N ASP A 55 0.20 -13.61 2.91
CA ASP A 55 -0.35 -14.95 2.73
C ASP A 55 -1.75 -14.88 2.11
N ALA A 56 -2.58 -13.98 2.63
CA ALA A 56 -3.90 -13.79 2.05
C ALA A 56 -3.80 -13.29 0.61
N ALA A 57 -2.85 -12.38 0.33
CA ALA A 57 -2.69 -11.89 -1.04
C ALA A 57 -2.25 -13.01 -1.98
N PHE A 58 -1.42 -13.94 -1.50
CA PHE A 58 -0.94 -15.06 -2.31
C PHE A 58 -1.87 -16.25 -2.28
N GLY A 59 -2.86 -16.27 -1.39
CA GLY A 59 -3.73 -17.41 -1.26
C GLY A 59 -3.12 -18.57 -0.52
N THR A 60 -2.08 -18.33 0.28
CA THR A 60 -1.45 -19.39 1.07
C THR A 60 -1.84 -19.22 2.54
N GLY A 61 -3.10 -19.49 2.82
CA GLY A 61 -3.63 -19.23 4.16
C GLY A 61 -3.70 -17.74 4.43
N ASP A 62 -3.62 -17.38 5.71
CA ASP A 62 -3.72 -15.98 6.11
C ASP A 62 -3.12 -15.82 7.49
N ASN A 63 -3.07 -14.57 7.94
CA ASN A 63 -2.56 -14.20 9.25
C ASN A 63 -3.59 -13.34 9.97
N ARG A 64 -4.88 -13.69 9.84
CA ARG A 64 -5.93 -12.76 10.23
C ARG A 64 -5.86 -12.37 11.70
N ALA A 65 -5.72 -13.37 12.59
CA ALA A 65 -5.71 -13.04 14.03
C ALA A 65 -4.49 -12.18 14.38
N LEU A 66 -3.32 -12.47 13.80
CA LEU A 66 -2.13 -11.65 14.06
C LEU A 66 -2.32 -10.23 13.54
N ILE A 67 -2.84 -10.10 12.31
CA ILE A 67 -3.11 -8.78 11.74
C ILE A 67 -4.04 -8.00 12.66
N ALA A 68 -5.08 -8.65 13.15
CA ALA A 68 -6.02 -8.01 14.07
C ALA A 68 -5.31 -7.54 15.34
N GLU A 69 -4.43 -8.38 15.89
CA GLU A 69 -3.71 -7.99 17.09
C GLU A 69 -2.82 -6.77 16.85
N VAL A 70 -2.14 -6.73 15.70
CA VAL A 70 -1.30 -5.58 15.36
C VAL A 70 -2.13 -4.31 15.23
N ALA A 71 -3.26 -4.40 14.53
CA ALA A 71 -4.09 -3.22 14.35
C ALA A 71 -4.70 -2.75 15.67
N GLN A 72 -5.07 -3.69 16.54
CA GLN A 72 -5.59 -3.31 17.86
C GLN A 72 -4.54 -2.56 18.67
N ALA A 73 -3.26 -2.86 18.46
CA ALA A 73 -2.18 -2.21 19.18
C ALA A 73 -1.87 -0.80 18.68
N MET A 74 -2.40 -0.40 17.52
CA MET A 74 -2.10 0.90 16.94
C MET A 74 -3.09 1.95 17.45
N ASP A 75 -2.56 3.07 17.95
CA ASP A 75 -3.37 4.26 18.19
C ASP A 75 -3.40 5.18 17.00
N ILE A 76 -2.61 4.87 15.97
CA ILE A 76 -2.46 5.76 14.81
C ILE A 76 -3.33 5.22 13.68
N LYS A 77 -3.30 5.90 12.54
CA LYS A 77 -4.12 5.49 11.40
C LYS A 77 -3.56 4.22 10.78
N VAL A 78 -4.44 3.34 10.31
CA VAL A 78 -4.05 2.04 9.79
C VAL A 78 -4.67 1.86 8.41
N GLU A 79 -3.83 1.49 7.44
CA GLU A 79 -4.26 1.12 6.10
C GLU A 79 -4.01 -0.38 5.93
N LEU A 80 -5.06 -1.14 5.66
CA LEU A 80 -5.01 -2.59 5.70
C LEU A 80 -5.22 -3.19 4.31
N SER A 81 -4.42 -4.19 3.96
N SER A 81 -4.42 -4.18 3.94
CA SER A 81 -4.48 -4.77 2.62
CA SER A 81 -4.56 -4.78 2.63
C SER A 81 -4.12 -6.24 2.66
C SER A 81 -4.14 -6.24 2.66
N GLY A 82 -4.53 -6.96 1.62
CA GLY A 82 -4.12 -8.34 1.46
C GLY A 82 -5.29 -9.30 1.44
N GLY A 83 -5.66 -9.78 0.26
CA GLY A 83 -6.68 -10.81 0.15
C GLY A 83 -8.09 -10.31 0.37
N ILE A 84 -8.32 -9.00 0.35
CA ILE A 84 -9.65 -8.47 0.57
C ILE A 84 -10.37 -8.52 -0.77
N ARG A 85 -11.15 -9.58 -0.97
CA ARG A 85 -11.71 -9.92 -2.26
C ARG A 85 -13.18 -10.30 -2.20
N ASP A 86 -13.80 -10.32 -1.03
CA ASP A 86 -15.20 -10.68 -0.93
C ASP A 86 -15.77 -10.08 0.35
N ASP A 87 -17.06 -10.33 0.57
CA ASP A 87 -17.75 -9.71 1.70
C ASP A 87 -17.14 -10.13 3.04
N ASP A 88 -16.80 -11.41 3.20
CA ASP A 88 -16.34 -11.88 4.51
C ASP A 88 -14.95 -11.33 4.84
N THR A 89 -14.06 -11.29 3.86
CA THR A 89 -12.72 -10.76 4.14
C THR A 89 -12.76 -9.25 4.34
N LEU A 90 -13.65 -8.55 3.61
CA LEU A 90 -13.83 -7.12 3.84
C LEU A 90 -14.42 -6.84 5.22
N ALA A 91 -15.38 -7.66 5.65
CA ALA A 91 -15.99 -7.45 6.97
C ALA A 91 -14.96 -7.55 8.08
N ALA A 92 -14.11 -8.58 8.06
CA ALA A 92 -13.10 -8.73 9.10
C ALA A 92 -12.08 -7.59 9.04
N ALA A 93 -11.68 -7.19 7.82
CA ALA A 93 -10.72 -6.10 7.67
C ALA A 93 -11.26 -4.82 8.28
N LEU A 94 -12.50 -4.46 7.95
CA LEU A 94 -13.06 -3.22 8.50
C LEU A 94 -13.29 -3.33 10.00
N ALA A 95 -13.50 -4.56 10.50
CA ALA A 95 -13.74 -4.73 11.93
C ALA A 95 -12.51 -4.39 12.76
N THR A 96 -11.33 -4.32 12.14
CA THR A 96 -10.17 -3.82 12.86
C THR A 96 -10.29 -2.36 13.26
N GLY A 97 -11.27 -1.62 12.73
CA GLY A 97 -11.27 -0.19 12.92
C GLY A 97 -10.24 0.54 12.10
N CYS A 98 -9.66 -0.11 11.08
CA CYS A 98 -8.66 0.54 10.24
C CYS A 98 -9.26 1.76 9.55
N THR A 99 -8.38 2.74 9.27
CA THR A 99 -8.81 3.96 8.60
C THR A 99 -9.31 3.68 7.19
N ARG A 100 -8.63 2.77 6.47
CA ARG A 100 -9.08 2.37 5.15
C ARG A 100 -8.45 1.03 4.82
N VAL A 101 -9.03 0.37 3.81
CA VAL A 101 -8.50 -0.86 3.25
C VAL A 101 -8.04 -0.58 1.83
N ASN A 102 -7.14 -1.42 1.33
CA ASN A 102 -6.78 -1.40 -0.08
C ASN A 102 -7.33 -2.65 -0.74
N LEU A 103 -7.95 -2.48 -1.90
CA LEU A 103 -8.39 -3.58 -2.73
C LEU A 103 -7.51 -3.62 -3.97
N GLY A 104 -6.94 -4.79 -4.27
CA GLY A 104 -6.11 -4.92 -5.45
C GLY A 104 -6.72 -5.85 -6.49
N THR A 105 -6.50 -7.15 -6.31
CA THR A 105 -6.99 -8.16 -7.25
C THR A 105 -8.48 -8.00 -7.55
N ALA A 106 -9.26 -7.65 -6.53
CA ALA A 106 -10.71 -7.56 -6.70
C ALA A 106 -11.09 -6.53 -7.74
N ALA A 107 -10.30 -5.45 -7.87
CA ALA A 107 -10.62 -4.43 -8.88
C ALA A 107 -10.45 -4.97 -10.29
N LEU A 108 -9.61 -5.98 -10.46
CA LEU A 108 -9.42 -6.58 -11.77
C LEU A 108 -10.37 -7.73 -12.01
N GLU A 109 -10.68 -8.52 -10.98
CA GLU A 109 -11.45 -9.73 -11.17
C GLU A 109 -12.94 -9.52 -10.98
N THR A 110 -13.33 -8.67 -10.05
CA THR A 110 -14.73 -8.44 -9.75
C THR A 110 -15.00 -6.94 -9.70
N PRO A 111 -14.93 -6.27 -10.86
CA PRO A 111 -15.12 -4.81 -10.84
C PRO A 111 -16.50 -4.42 -10.29
N GLU A 112 -17.51 -5.25 -10.51
CA GLU A 112 -18.84 -4.94 -9.97
C GLU A 112 -18.86 -5.00 -8.45
N TRP A 113 -18.12 -5.95 -7.86
CA TRP A 113 -18.04 -5.98 -6.40
C TRP A 113 -17.31 -4.74 -5.87
N VAL A 114 -16.22 -4.35 -6.52
CA VAL A 114 -15.50 -3.16 -6.05
C VAL A 114 -16.37 -1.92 -6.17
N ALA A 115 -17.13 -1.80 -7.28
CA ALA A 115 -18.05 -0.67 -7.40
C ALA A 115 -19.08 -0.66 -6.28
N LYS A 116 -19.60 -1.85 -5.91
CA LYS A 116 -20.58 -1.94 -4.82
C LYS A 116 -19.96 -1.53 -3.50
N VAL A 117 -18.72 -1.97 -3.24
CA VAL A 117 -18.07 -1.71 -1.97
C VAL A 117 -17.69 -0.23 -1.86
N ILE A 118 -17.29 0.39 -2.97
CA ILE A 118 -17.04 1.83 -2.98
C ILE A 118 -18.32 2.59 -2.61
N ALA A 119 -19.44 2.22 -3.25
CA ALA A 119 -20.70 2.92 -3.00
C ALA A 119 -21.15 2.76 -1.56
N GLU A 120 -20.93 1.58 -0.97
CA GLU A 120 -21.40 1.36 0.39
C GLU A 120 -20.44 1.89 1.46
N HIS A 121 -19.13 1.95 1.18
CA HIS A 121 -18.15 2.31 2.21
C HIS A 121 -17.34 3.56 1.92
N GLY A 122 -17.47 4.16 0.73
CA GLY A 122 -16.85 5.47 0.50
C GLY A 122 -15.35 5.44 0.67
N ASP A 123 -14.82 6.47 1.34
CA ASP A 123 -13.36 6.60 1.41
C ASP A 123 -12.70 5.68 2.45
N LYS A 124 -13.45 4.75 3.05
CA LYS A 124 -12.80 3.60 3.70
C LYS A 124 -12.15 2.68 2.68
N ILE A 125 -12.41 2.88 1.39
CA ILE A 125 -11.90 2.02 0.32
C ILE A 125 -10.90 2.81 -0.51
N ALA A 126 -9.73 2.23 -0.72
CA ALA A 126 -8.80 2.69 -1.75
C ALA A 126 -8.47 1.49 -2.64
N VAL A 127 -8.06 1.75 -3.87
CA VAL A 127 -7.71 0.68 -4.81
C VAL A 127 -6.21 0.74 -5.09
N GLY A 128 -5.54 -0.40 -4.94
CA GLY A 128 -4.14 -0.52 -5.29
C GLY A 128 -3.98 -0.88 -6.76
N LEU A 129 -3.18 -0.06 -7.46
CA LEU A 129 -2.85 -0.25 -8.86
C LEU A 129 -1.38 -0.68 -8.94
N ASP A 130 -1.15 -1.97 -9.22
CA ASP A 130 0.20 -2.52 -9.27
C ASP A 130 0.53 -2.77 -10.74
N VAL A 131 1.53 -2.05 -11.24
CA VAL A 131 1.70 -1.78 -12.66
C VAL A 131 3.04 -2.34 -13.13
N ARG A 132 3.01 -2.97 -14.31
CA ARG A 132 4.19 -3.26 -15.13
C ARG A 132 3.98 -2.51 -16.43
N GLY A 133 4.78 -1.47 -16.67
CA GLY A 133 4.53 -0.60 -17.80
C GLY A 133 3.19 0.09 -17.69
N THR A 134 2.22 -0.34 -18.50
CA THR A 134 0.86 0.15 -18.41
C THR A 134 -0.14 -0.98 -18.13
N THR A 135 0.36 -2.12 -17.66
CA THR A 135 -0.44 -3.32 -17.42
C THR A 135 -0.57 -3.54 -15.92
N LEU A 136 -1.79 -3.77 -15.46
CA LEU A 136 -2.06 -4.05 -14.05
C LEU A 136 -1.89 -5.55 -13.78
N ARG A 137 -1.46 -5.87 -12.57
CA ARG A 137 -1.22 -7.24 -12.17
C ARG A 137 -2.01 -7.56 -10.91
N GLY A 138 -2.44 -8.82 -10.79
CA GLY A 138 -3.26 -9.26 -9.68
C GLY A 138 -2.82 -10.60 -9.12
N ARG A 139 -3.51 -11.01 -8.05
CA ARG A 139 -3.29 -12.29 -7.36
C ARG A 139 -1.86 -12.41 -6.85
N GLY A 140 -1.47 -11.46 -6.01
CA GLY A 140 -0.08 -11.39 -5.58
C GLY A 140 0.88 -11.12 -6.71
N TRP A 141 0.44 -10.40 -7.74
CA TRP A 141 1.27 -10.00 -8.88
C TRP A 141 1.75 -11.22 -9.68
N THR A 142 0.86 -12.21 -9.85
CA THR A 142 1.18 -13.40 -10.60
C THR A 142 0.43 -13.50 -11.92
N ARG A 143 -0.36 -12.49 -12.28
CA ARG A 143 -1.15 -12.55 -13.52
C ARG A 143 -1.64 -11.16 -13.91
N ASP A 144 -1.83 -10.96 -15.21
CA ASP A 144 -2.29 -9.69 -15.75
C ASP A 144 -3.77 -9.47 -15.45
N GLY A 145 -4.17 -8.20 -15.42
CA GLY A 145 -5.52 -7.86 -15.02
C GLY A 145 -6.14 -6.65 -15.68
N GLY A 146 -5.45 -6.05 -16.64
CA GLY A 146 -6.05 -4.95 -17.37
C GLY A 146 -5.13 -3.77 -17.67
N ASP A 147 -5.68 -2.76 -18.33
CA ASP A 147 -4.92 -1.57 -18.75
C ASP A 147 -5.08 -0.46 -17.72
N LEU A 148 -3.99 0.28 -17.48
CA LEU A 148 -3.98 1.29 -16.42
C LEU A 148 -5.03 2.35 -16.63
N TYR A 149 -5.10 2.91 -17.84
CA TYR A 149 -5.98 4.05 -18.08
C TYR A 149 -7.44 3.63 -18.10
N GLU A 150 -7.76 2.50 -18.74
CA GLU A 150 -9.14 2.03 -18.76
C GLU A 150 -9.65 1.77 -17.35
N THR A 151 -8.79 1.18 -16.50
CA THR A 151 -9.18 0.85 -15.14
C THR A 151 -9.34 2.11 -14.30
N LEU A 152 -8.41 3.06 -14.45
CA LEU A 152 -8.54 4.33 -13.76
C LEU A 152 -9.81 5.06 -14.16
N ASP A 153 -10.14 5.06 -15.45
CA ASP A 153 -11.36 5.73 -15.89
C ASP A 153 -12.58 5.10 -15.22
N ARG A 154 -12.67 3.77 -15.25
CA ARG A 154 -13.80 3.08 -14.63
C ARG A 154 -13.91 3.39 -13.15
N LEU A 155 -12.79 3.28 -12.42
CA LEU A 155 -12.84 3.54 -10.98
C LEU A 155 -13.10 5.01 -10.68
N ASN A 156 -12.57 5.93 -11.51
CA ASN A 156 -12.89 7.34 -11.35
C ASN A 156 -14.39 7.55 -11.36
N LYS A 157 -15.08 7.03 -12.38
CA LYS A 157 -16.50 7.25 -12.54
C LYS A 157 -17.34 6.48 -11.52
N GLU A 158 -16.80 5.42 -10.93
CA GLU A 158 -17.46 4.72 -9.83
C GLU A 158 -17.32 5.43 -8.50
N GLY A 159 -16.56 6.52 -8.45
CA GLY A 159 -16.39 7.26 -7.21
C GLY A 159 -15.29 6.76 -6.31
N CYS A 160 -14.33 5.99 -6.83
CA CYS A 160 -13.22 5.53 -6.01
C CYS A 160 -12.50 6.71 -5.37
N ALA A 161 -12.17 6.58 -4.08
CA ALA A 161 -11.73 7.74 -3.32
C ALA A 161 -10.24 8.02 -3.44
N ARG A 162 -9.44 7.03 -3.80
CA ARG A 162 -8.00 7.09 -3.57
C ARG A 162 -7.33 5.89 -4.24
N TYR A 163 -6.12 6.10 -4.76
CA TYR A 163 -5.36 5.05 -5.42
C TYR A 163 -3.99 4.89 -4.78
N VAL A 164 -3.57 3.65 -4.64
CA VAL A 164 -2.22 3.30 -4.18
C VAL A 164 -1.48 2.72 -5.37
N VAL A 165 -0.44 3.40 -5.83
CA VAL A 165 0.22 3.11 -7.10
C VAL A 165 1.60 2.51 -6.84
N THR A 166 1.83 1.31 -7.34
CA THR A 166 3.10 0.61 -7.25
C THR A 166 3.62 0.30 -8.65
N ASP A 167 4.87 0.69 -8.92
CA ASP A 167 5.63 0.15 -10.05
C ASP A 167 6.27 -1.15 -9.59
N ILE A 168 5.82 -2.27 -10.15
CA ILE A 168 6.30 -3.57 -9.69
C ILE A 168 7.80 -3.70 -9.93
N ALA A 169 8.32 -3.05 -10.96
CA ALA A 169 9.75 -3.10 -11.25
C ALA A 169 10.58 -2.37 -10.21
N LYS A 170 9.98 -1.43 -9.46
CA LYS A 170 10.70 -0.76 -8.39
C LYS A 170 10.52 -1.41 -7.04
N ASP A 171 9.46 -2.21 -6.87
CA ASP A 171 9.05 -2.60 -5.53
C ASP A 171 10.10 -3.49 -4.87
N GLY A 172 10.50 -3.09 -3.66
CA GLY A 172 11.48 -3.85 -2.90
C GLY A 172 12.89 -3.80 -3.43
N THR A 173 13.17 -2.96 -4.43
CA THR A 173 14.47 -2.96 -5.08
C THR A 173 15.42 -1.87 -4.59
N LEU A 174 14.93 -0.89 -3.83
CA LEU A 174 15.72 0.28 -3.44
C LEU A 174 16.24 1.06 -4.67
N GLN A 175 15.55 0.97 -5.80
CA GLN A 175 15.98 1.63 -7.02
C GLN A 175 15.32 2.99 -7.23
N GLY A 176 14.58 3.50 -6.23
CA GLY A 176 13.98 4.80 -6.32
C GLY A 176 12.55 4.72 -6.80
N PRO A 177 11.76 5.77 -6.55
CA PRO A 177 10.37 5.78 -7.02
C PRO A 177 10.31 6.00 -8.52
N ASN A 178 9.21 5.55 -9.12
CA ASN A 178 8.93 5.87 -10.51
C ASN A 178 8.11 7.16 -10.50
N LEU A 179 8.79 8.30 -10.64
CA LEU A 179 8.12 9.58 -10.57
C LEU A 179 7.29 9.85 -11.83
N GLU A 180 7.70 9.31 -12.97
CA GLU A 180 6.92 9.51 -14.19
C GLU A 180 5.56 8.83 -14.08
N LEU A 181 5.51 7.61 -13.53
CA LEU A 181 4.24 6.94 -13.37
C LEU A 181 3.35 7.69 -12.38
N LEU A 182 3.92 8.17 -11.27
CA LEU A 182 3.15 8.90 -10.29
C LEU A 182 2.49 10.14 -10.90
N LYS A 183 3.28 10.91 -11.64
CA LYS A 183 2.74 12.09 -12.31
C LYS A 183 1.72 11.70 -13.37
N ASN A 184 1.95 10.58 -14.08
CA ASN A 184 0.99 10.13 -15.09
C ASN A 184 -0.35 9.76 -14.46
N VAL A 185 -0.32 9.14 -13.28
CA VAL A 185 -1.57 8.81 -12.60
C VAL A 185 -2.25 10.07 -12.09
N CYS A 186 -1.48 11.03 -11.55
CA CYS A 186 -2.07 12.31 -11.13
C CYS A 186 -2.74 13.04 -12.30
N ALA A 187 -2.21 12.89 -13.52
CA ALA A 187 -2.85 13.52 -14.66
C ALA A 187 -4.21 12.90 -14.97
N ALA A 188 -4.42 11.63 -14.58
CA ALA A 188 -5.59 10.88 -14.99
C ALA A 188 -6.67 10.82 -13.91
N THR A 189 -6.47 11.47 -12.76
CA THR A 189 -7.48 11.45 -11.72
C THR A 189 -7.33 12.72 -10.89
N ASP A 190 -8.42 13.09 -10.21
CA ASP A 190 -8.38 14.13 -9.20
C ASP A 190 -8.44 13.56 -7.79
N ARG A 191 -8.36 12.24 -7.65
CA ARG A 191 -8.31 11.56 -6.37
C ARG A 191 -6.89 11.52 -5.84
N PRO A 192 -6.75 11.55 -4.52
CA PRO A 192 -5.42 11.42 -3.91
C PRO A 192 -4.69 10.15 -4.35
N VAL A 193 -3.39 10.28 -4.55
CA VAL A 193 -2.53 9.19 -5.01
C VAL A 193 -1.49 8.91 -3.92
N VAL A 194 -1.37 7.65 -3.52
CA VAL A 194 -0.35 7.22 -2.57
C VAL A 194 0.70 6.42 -3.33
N ALA A 195 1.96 6.84 -3.20
CA ALA A 195 3.06 6.18 -3.87
C ALA A 195 3.56 5.00 -3.04
N SER A 196 3.94 3.93 -3.73
CA SER A 196 4.41 2.74 -3.02
C SER A 196 5.50 2.05 -3.84
N GLY A 197 6.62 1.77 -3.19
CA GLY A 197 7.68 0.94 -3.74
C GLY A 197 8.90 1.75 -4.16
N GLY A 198 10.08 1.21 -3.85
CA GLY A 198 11.32 1.69 -4.41
C GLY A 198 12.07 2.72 -3.58
N VAL A 199 11.43 3.33 -2.58
CA VAL A 199 12.09 4.40 -1.83
C VAL A 199 13.38 3.87 -1.23
N SER A 200 14.47 4.62 -1.41
CA SER A 200 15.78 4.18 -0.96
C SER A 200 16.54 5.22 -0.15
N SER A 201 16.07 6.46 -0.12
CA SER A 201 16.85 7.55 0.45
C SER A 201 15.90 8.66 0.85
N LEU A 202 16.42 9.60 1.66
CA LEU A 202 15.64 10.79 1.97
C LEU A 202 15.45 11.66 0.73
N ASP A 203 16.44 11.69 -0.16
CA ASP A 203 16.24 12.42 -1.41
C ASP A 203 15.07 11.84 -2.22
N ASP A 204 14.87 10.52 -2.18
CA ASP A 204 13.70 9.92 -2.83
C ASP A 204 12.40 10.45 -2.23
N LEU A 205 12.33 10.54 -0.90
CA LEU A 205 11.12 11.06 -0.27
C LEU A 205 10.89 12.53 -0.63
N ARG A 206 11.97 13.32 -0.71
CA ARG A 206 11.82 14.72 -1.10
C ARG A 206 11.32 14.84 -2.53
N ALA A 207 11.75 13.93 -3.42
CA ALA A 207 11.30 13.98 -4.81
C ALA A 207 9.83 13.62 -4.93
N ILE A 208 9.38 12.60 -4.18
CA ILE A 208 7.95 12.31 -4.11
C ILE A 208 7.20 13.50 -3.52
N ALA A 209 7.74 14.10 -2.45
CA ALA A 209 7.09 15.27 -1.87
C ALA A 209 6.94 16.40 -2.87
N GLY A 210 7.85 16.46 -3.86
CA GLY A 210 7.72 17.47 -4.90
C GLY A 210 6.46 17.30 -5.73
N LEU A 211 5.85 16.12 -5.69
CA LEU A 211 4.62 15.85 -6.42
C LEU A 211 3.36 16.07 -5.60
N VAL A 212 3.47 16.54 -4.35
CA VAL A 212 2.26 16.83 -3.57
C VAL A 212 1.35 17.82 -4.28
N PRO A 213 1.84 18.92 -4.87
CA PRO A 213 0.91 19.81 -5.60
C PRO A 213 0.22 19.15 -6.78
N ALA A 214 0.84 18.14 -7.39
CA ALA A 214 0.21 17.42 -8.49
C ALA A 214 -0.85 16.44 -8.02
N GLY A 215 -0.90 16.13 -6.73
CA GLY A 215 -1.91 15.22 -6.23
C GLY A 215 -1.41 13.97 -5.53
N VAL A 216 -0.11 13.87 -5.28
CA VAL A 216 0.43 12.75 -4.49
C VAL A 216 0.27 13.12 -3.02
N GLU A 217 -0.41 12.25 -2.28
CA GLU A 217 -0.76 12.51 -0.90
C GLU A 217 0.21 11.88 0.10
N GLY A 218 0.78 10.73 -0.23
CA GLY A 218 1.54 9.98 0.75
C GLY A 218 2.48 9.04 0.04
N ALA A 219 3.42 8.50 0.81
CA ALA A 219 4.37 7.51 0.32
C ALA A 219 4.43 6.35 1.30
N ILE A 220 4.27 5.14 0.80
CA ILE A 220 4.50 3.94 1.58
C ILE A 220 5.98 3.58 1.50
N VAL A 221 6.58 3.22 2.63
CA VAL A 221 7.99 2.88 2.66
C VAL A 221 8.18 1.56 3.40
N GLY A 222 8.88 0.62 2.78
CA GLY A 222 9.13 -0.67 3.38
C GLY A 222 10.61 -0.93 3.55
N LYS A 223 11.26 -1.42 2.50
CA LYS A 223 12.60 -1.99 2.64
C LYS A 223 13.59 -0.99 3.22
N ALA A 224 13.53 0.27 2.80
CA ALA A 224 14.54 1.23 3.25
C ALA A 224 14.50 1.44 4.76
N LEU A 225 13.32 1.34 5.38
CA LEU A 225 13.25 1.48 6.83
C LEU A 225 13.78 0.23 7.53
N TYR A 226 13.43 -0.96 7.02
CA TYR A 226 13.94 -2.20 7.62
C TYR A 226 15.43 -2.32 7.41
N ALA A 227 15.92 -1.87 6.26
CA ALA A 227 17.35 -1.85 6.02
C ALA A 227 18.08 -0.73 6.75
N LYS A 228 17.35 0.14 7.43
CA LYS A 228 17.96 1.26 8.16
C LYS A 228 18.72 2.20 7.23
N ALA A 229 18.22 2.40 6.00
CA ALA A 229 18.78 3.43 5.13
C ALA A 229 18.69 4.79 5.79
N PHE A 230 17.59 5.02 6.50
CA PHE A 230 17.36 6.21 7.31
C PHE A 230 16.44 5.81 8.45
N THR A 231 16.36 6.66 9.47
CA THR A 231 15.40 6.40 10.54
C THR A 231 14.05 6.99 10.16
N LEU A 232 12.99 6.50 10.81
CA LEU A 232 11.67 7.07 10.58
C LEU A 232 11.64 8.54 11.00
N GLU A 233 12.35 8.87 12.09
CA GLU A 233 12.43 10.25 12.52
C GLU A 233 13.02 11.15 11.42
N GLU A 234 14.09 10.68 10.78
CA GLU A 234 14.71 11.44 9.71
C GLU A 234 13.77 11.58 8.52
N ALA A 235 13.00 10.54 8.22
CA ALA A 235 12.06 10.59 7.11
C ALA A 235 10.91 11.55 7.41
N LEU A 236 10.41 11.54 8.65
CA LEU A 236 9.37 12.47 9.04
C LEU A 236 9.87 13.91 8.96
N GLU A 237 11.10 14.17 9.42
CA GLU A 237 11.67 15.51 9.29
C GLU A 237 11.75 15.93 7.83
N ALA A 238 12.08 14.99 6.94
CA ALA A 238 12.28 15.34 5.54
C ALA A 238 10.99 15.60 4.78
N THR A 239 9.84 15.16 5.33
CA THR A 239 8.57 15.22 4.61
C THR A 239 7.56 16.14 5.29
N SER A 240 8.00 16.99 6.21
CA SER A 240 7.09 17.85 6.95
C SER A 240 6.85 19.19 6.25
S SO4 B . 9.31 -1.01 -0.66
O1 SO4 B . 9.90 -0.96 -2.00
O2 SO4 B . 9.50 0.27 0.03
O3 SO4 B . 7.88 -1.24 -0.79
O4 SO4 B . 9.90 -2.08 0.13
S SO4 C . -10.13 5.12 -21.44
O1 SO4 C . -10.75 5.78 -22.58
O2 SO4 C . -9.42 6.10 -20.61
O3 SO4 C . -11.17 4.47 -20.64
O4 SO4 C . -9.18 4.12 -21.91
C1 GOL D . 5.07 4.38 -7.97
O1 GOL D . 5.48 4.86 -9.24
C2 GOL D . 6.26 4.40 -7.05
O2 GOL D . 6.86 5.68 -7.03
C3 GOL D . 7.29 3.36 -7.51
O3 GOL D . 6.79 2.07 -7.20
O5 AMZ E . 4.40 -8.52 -2.72
C6 AMZ E . 3.51 -8.98 -3.44
N2 AMZ E . 3.69 -9.95 -4.32
C3A AMZ E . 2.14 -8.46 -3.28
C7A AMZ E . 1.81 -7.31 -2.44
N3 AMZ E . 2.70 -6.59 -1.71
N1 AMZ E . 0.96 -8.86 -3.80
C5 AMZ E . 0.00 -8.02 -3.32
N AMZ E . 0.51 -7.08 -2.49
C1 AMZ E . -0.23 -6.03 -1.79
C2 AMZ E . -0.53 -4.88 -2.73
C3 AMZ E . -2.00 -4.60 -2.53
O2 AMZ E . -2.14 -3.51 -1.61
O1 AMZ E . 0.28 -3.75 -2.40
O AMZ E . -1.47 -6.63 -1.42
C AMZ E . -2.57 -5.86 -1.90
C4 AMZ E . -3.37 -6.67 -2.91
O3 AMZ E . -3.94 -7.85 -2.35
P AMZ E . -5.20 -8.38 -3.16
OP1 AMZ E . -4.62 -8.66 -4.52
O4 AMZ E . -5.78 -9.56 -2.46
OP2 AMZ E . -6.13 -7.18 -3.08
#